data_6W3U
#
_entry.id   6W3U
#
_cell.length_a   71.177
_cell.length_b   65.622
_cell.length_c   91.717
_cell.angle_alpha   90.00
_cell.angle_beta   110.52
_cell.angle_gamma   90.00
#
_symmetry.space_group_name_H-M   'P 1 21 1'
#
loop_
_entity.id
_entity.type
_entity.pdbx_description
1 polymer "DNA (5'-D(P*TP*CP*GP*AP*CP*GP*GP*AP*TP*CP*C)-3')"
2 polymer "DNA (5'-D(*GP*CP*TP*GP*AP*TP*GP*CP*GP*(C7R))-3')"
3 polymer "DNA (5'-D(*GP*GP*AP*TP*CP*CP*GP*TP*CP*GP*AP*TP*CP*GP*CP*AP*TP*CP*AP*GP*C)-3')"
4 polymer 'DNA-(apurinic or apyrimidinic site) lyase'
5 non-polymer 'CALCIUM ION'
6 non-polymer 1,2-ETHANEDIOL
7 non-polymer 'SODIUM ION'
8 non-polymer 'CHLORIDE ION'
9 water water
#
loop_
_entity_poly.entity_id
_entity_poly.type
_entity_poly.pdbx_seq_one_letter_code
_entity_poly.pdbx_strand_id
1 'polydeoxyribonucleotide' (DT)(DC)(DG)(DA)(DC)(DG)(DG)(DA)(DT)(DC)(DC) C
2 'polydeoxyribonucleotide' (DG)(DC)(DT)(DG)(DA)(DT)(DG)(DC)(DG)(C7R) D
3 'polydeoxyribonucleotide'
;(DG)(DG)(DA)(DT)(DC)(DC)(DG)(DT)(DC)(DG)(DA)(DT)(DC)(DG)(DC)(DA)(DT)(DC)(DA)(DG)
(DC)
;
E
4 'polypeptide(L)'
;ALYEDPPDQKTSPSGKPATLKICSWNVDGLRAWIKKKGLDWVKEEAPDILCLQETKCSENKLPAELQELPGLSHQYWSAP
SDKEGYSGVGLLSRQCPLKVSYGIGDEEHDQEGRVIVAEFDSFVLVTAYVPNAGRGLVRLEYRQRWDEAFRKFLKGLASR
KPLVLCGDLNVAHEEIDLRNPKGNKKNAGFTPQECQGFGELLQAVPLADSFRHLYPNTPYAYTFWTYMMNARSKNVGWRL
DYFLLSHSLLPALCDSKIRSKALGSDHCPITLYLAL
;
A,B
#
loop_
_chem_comp.id
_chem_comp.type
_chem_comp.name
_chem_comp.formula
C7R DNA linking 2'-deoxy-5'-O-thiophosphonocytidine 'C9 H14 N3 O6 P S'
C7S DNA linking 2'-deoxy-5'-O-thiophosphonocytidine 'C9 H14 N3 O6 P S'
CA non-polymer 'CALCIUM ION' 'Ca 2'
CL non-polymer 'CHLORIDE ION' 'Cl -1'
DA DNA linking 2'-DEOXYADENOSINE-5'-MONOPHOSPHATE 'C10 H14 N5 O6 P'
DC DNA linking 2'-DEOXYCYTIDINE-5'-MONOPHOSPHATE 'C9 H14 N3 O7 P'
DG DNA linking 2'-DEOXYGUANOSINE-5'-MONOPHOSPHATE 'C10 H14 N5 O7 P'
DT DNA linking THYMIDINE-5'-MONOPHOSPHATE 'C10 H15 N2 O8 P'
EDO non-polymer 1,2-ETHANEDIOL 'C2 H6 O2'
NA non-polymer 'SODIUM ION' 'Na 1'
#
# COMPACT_ATOMS: atom_id res chain seq x y z
P C7R B 10 -3.18 -29.79 0.88
C5' C7R B 10 -1.97 -28.16 2.53
O5' C7R B 10 -1.93 -28.79 1.28
C4' C7R B 10 -0.54 -27.95 3.00
O4' C7R B 10 -0.21 -28.73 3.93
C3' C7R B 10 0.60 -28.30 1.85
O3' C7R B 10 0.69 -27.24 0.80
C2' C7R B 10 1.65 -28.36 2.46
C1' C7R B 10 1.20 -28.27 3.97
N1 C7R B 10 2.05 -28.99 4.71
C2 C7R B 10 1.72 -30.14 5.59
O2 C7R B 10 0.60 -30.53 5.66
N3 C7R B 10 2.78 -30.82 6.39
C4 C7R B 10 4.14 -30.35 6.32
N4 C7R B 10 5.18 -31.02 7.09
C5 C7R B 10 4.48 -29.19 5.46
C6 C7R B 10 3.41 -28.50 4.66
OP1 C7R B 10 -4.44 -29.21 1.49
SP2 C7R B 10 -3.30 -29.76 -0.86
P C7S B 10 -3.18 -29.78 0.89
C5' C7S B 10 -1.50 -28.33 2.48
O5' C7S B 10 -1.81 -28.86 1.20
C4' C7S B 10 -0.03 -28.15 2.92
O4' C7S B 10 0.16 -28.82 3.97
C3' C7S B 10 1.25 -28.61 1.98
O3' C7S B 10 1.86 -27.48 1.18
C2' C7S B 10 2.13 -28.98 2.74
C1' C7S B 10 1.62 -28.54 4.16
N1 C7S B 10 2.20 -29.23 5.16
C2 C7S B 10 1.44 -29.76 6.32
O2 C7S B 10 0.27 -29.59 6.40
N3 C7S B 10 2.09 -30.51 7.42
C4 C7S B 10 3.51 -30.73 7.36
N4 C7S B 10 4.18 -31.46 8.40
C5 C7S B 10 4.30 -30.22 6.21
C6 C7S B 10 3.62 -29.46 5.11
SP1 C7S B 10 -4.52 -29.28 1.96
OP2 C7S B 10 -3.16 -29.95 -0.45
N ALA D 1 -14.50 29.37 0.43
CA ALA D 1 -14.97 29.20 1.80
C ALA D 1 -13.78 28.95 2.69
N LEU D 2 -13.99 28.99 4.00
CA LEU D 2 -12.91 28.88 4.98
C LEU D 2 -12.78 27.44 5.45
N TYR D 3 -11.70 27.16 6.16
CA TYR D 3 -11.34 25.79 6.47
C TYR D 3 -10.84 25.66 7.91
N GLU D 4 -11.38 24.68 8.63
CA GLU D 4 -10.96 24.39 10.00
C GLU D 4 -10.47 22.95 10.05
N ASP D 5 -9.16 22.80 10.13
CA ASP D 5 -8.54 21.49 10.29
C ASP D 5 -9.09 20.80 11.53
N PRO D 6 -9.58 19.56 11.43
CA PRO D 6 -10.25 18.91 12.57
C PRO D 6 -9.26 18.54 13.66
N PRO D 7 -9.75 18.17 14.84
CA PRO D 7 -8.86 17.89 15.98
C PRO D 7 -7.88 16.76 15.68
N ASP D 8 -6.78 16.75 16.43
CA ASP D 8 -5.71 15.79 16.19
C ASP D 8 -6.15 14.39 16.61
N GLN D 9 -6.18 13.46 15.66
CA GLN D 9 -6.33 12.05 15.98
C GLN D 9 -4.96 11.49 16.36
N LYS D 10 -4.79 11.04 17.60
CA LYS D 10 -3.49 10.53 18.02
C LYS D 10 -3.55 9.04 18.33
N THR D 11 -4.45 8.30 17.67
CA THR D 11 -4.58 6.88 17.89
C THR D 11 -4.75 6.16 16.56
N SER D 12 -3.93 5.13 16.35
CA SER D 12 -4.01 4.18 15.25
C SER D 12 -5.43 3.66 15.02
N PRO D 13 -5.77 3.17 13.82
CA PRO D 13 -7.03 2.42 13.70
C PRO D 13 -7.02 1.19 14.57
N SER D 14 -5.87 0.55 14.74
CA SER D 14 -5.74 -0.54 15.70
C SER D 14 -5.76 -0.08 17.15
N GLY D 15 -5.99 1.19 17.46
CA GLY D 15 -5.93 1.62 18.85
C GLY D 15 -4.54 1.93 19.38
N LYS D 16 -3.51 1.94 18.52
CA LYS D 16 -2.16 2.21 19.02
C LYS D 16 -1.91 3.71 19.15
N PRO D 17 -1.22 4.13 20.20
CA PRO D 17 -0.93 5.56 20.37
C PRO D 17 0.13 6.04 19.39
N ALA D 18 -0.03 7.27 18.93
CA ALA D 18 0.99 7.92 18.12
C ALA D 18 2.33 7.96 18.86
N THR D 19 3.38 7.49 18.20
CA THR D 19 4.74 7.52 18.75
C THR D 19 5.63 8.52 18.06
N LEU D 20 5.33 8.90 16.83
CA LEU D 20 6.19 9.76 16.04
C LEU D 20 5.37 10.93 15.55
N LYS D 21 5.92 12.13 15.70
CA LYS D 21 5.30 13.35 15.25
C LYS D 21 6.27 14.00 14.27
N ILE D 22 5.85 14.13 13.01
CA ILE D 22 6.65 14.79 11.98
C ILE D 22 5.94 16.07 11.55
N CYS D 23 6.73 17.13 11.35
CA CYS D 23 6.23 18.43 10.92
C CYS D 23 7.05 18.91 9.73
N SER D 24 6.38 19.34 8.67
CA SER D 24 7.04 19.84 7.47
C SER D 24 6.56 21.25 7.21
N TRP D 25 7.48 22.14 6.83
CA TRP D 25 7.13 23.55 6.66
C TRP D 25 7.99 24.17 5.58
N ASN D 26 7.36 24.65 4.52
CA ASN D 26 8.06 25.53 3.61
C ASN D 26 8.13 26.89 4.28
N VAL D 27 9.33 27.27 4.70
CA VAL D 27 9.50 28.52 5.43
C VAL D 27 9.67 29.70 4.49
N ASP D 28 10.08 29.46 3.24
CA ASP D 28 10.25 30.47 2.20
C ASP D 28 11.04 31.66 2.76
N GLY D 29 12.28 31.35 3.16
CA GLY D 29 13.14 32.27 3.88
C GLY D 29 13.34 31.85 5.32
N LEU D 30 14.33 30.99 5.57
CA LEU D 30 14.55 30.49 6.93
C LEU D 30 14.78 31.63 7.92
N ARG D 31 15.67 32.57 7.57
CA ARG D 31 16.00 33.66 8.48
C ARG D 31 14.81 34.58 8.69
N ALA D 32 14.10 34.93 7.61
CA ALA D 32 12.88 35.74 7.75
C ALA D 32 11.81 35.00 8.57
N TRP D 33 11.59 33.72 8.26
CA TRP D 33 10.62 32.93 9.01
C TRP D 33 10.95 32.90 10.49
N ILE D 34 12.25 32.80 10.82
CA ILE D 34 12.69 32.85 12.22
C ILE D 34 12.39 34.22 12.83
N LYS D 35 12.69 35.31 12.11
CA LYS D 35 12.35 36.62 12.64
C LYS D 35 10.84 36.75 12.88
N LYS D 36 10.03 36.10 12.05
CA LYS D 36 8.58 36.16 12.19
C LYS D 36 8.05 35.13 13.18
N LYS D 37 8.93 34.47 13.94
CA LYS D 37 8.63 33.71 15.15
C LYS D 37 8.18 32.27 14.86
N GLY D 38 8.65 31.71 13.74
CA GLY D 38 8.25 30.36 13.38
C GLY D 38 8.73 29.33 14.38
N LEU D 39 9.95 29.52 14.91
CA LEU D 39 10.53 28.58 15.85
C LEU D 39 9.74 28.54 17.15
N ASP D 40 9.11 29.66 17.53
CA ASP D 40 8.20 29.63 18.67
C ASP D 40 7.05 28.67 18.41
N TRP D 41 6.46 28.76 17.22
CA TRP D 41 5.41 27.81 16.86
C TRP D 41 5.93 26.38 16.87
N VAL D 42 7.10 26.15 16.25
CA VAL D 42 7.68 24.81 16.22
C VAL D 42 7.90 24.31 17.64
N LYS D 43 8.29 25.21 18.54
CA LYS D 43 8.52 24.83 19.92
C LYS D 43 7.24 24.32 20.56
N GLU D 44 6.15 25.08 20.41
CA GLU D 44 4.88 24.64 20.98
C GLU D 44 4.29 23.45 20.23
N GLU D 45 4.57 23.31 18.94
CA GLU D 45 4.11 22.11 18.25
C GLU D 45 4.84 20.86 18.74
N ALA D 46 6.10 21.02 19.13
CA ALA D 46 6.92 19.95 19.70
C ALA D 46 6.98 18.67 18.85
N PRO D 47 7.43 18.76 17.59
CA PRO D 47 7.54 17.55 16.77
C PRO D 47 8.81 16.77 17.06
N ASP D 48 8.77 15.47 16.74
CA ASP D 48 9.98 14.66 16.84
C ASP D 48 10.94 14.95 15.69
N ILE D 49 10.41 15.28 14.53
CA ILE D 49 11.19 15.59 13.34
C ILE D 49 10.60 16.84 12.71
N LEU D 50 11.48 17.77 12.30
CA LEU D 50 11.11 18.99 11.60
C LEU D 50 11.77 19.00 10.24
N CYS D 51 10.95 19.16 9.20
CA CYS D 51 11.40 19.20 7.82
C CYS D 51 11.09 20.57 7.26
N LEU D 52 12.12 21.30 6.86
CA LEU D 52 11.97 22.66 6.38
C LEU D 52 12.32 22.73 4.90
N GLN D 53 11.53 23.48 4.14
CA GLN D 53 11.82 23.69 2.72
C GLN D 53 11.94 25.18 2.39
N GLU D 54 12.71 25.45 1.32
CA GLU D 54 12.96 26.82 0.83
C GLU D 54 13.60 27.67 1.91
N THR D 55 14.72 27.17 2.44
CA THR D 55 15.40 27.88 3.53
C THR D 55 16.03 29.17 3.02
N LYS D 56 16.62 29.13 1.82
CA LYS D 56 17.32 30.28 1.25
C LYS D 56 18.35 30.79 2.24
N CYS D 57 19.21 29.88 2.69
CA CYS D 57 20.18 30.19 3.73
C CYS D 57 21.28 29.16 3.70
N SER D 58 22.51 29.59 3.47
CA SER D 58 23.66 28.70 3.55
C SER D 58 23.90 28.28 5.00
N GLU D 59 24.67 27.20 5.16
CA GLU D 59 24.88 26.64 6.49
C GLU D 59 25.56 27.64 7.42
N ASN D 60 26.54 28.38 6.90
CA ASN D 60 27.23 29.31 7.79
C ASN D 60 26.38 30.52 8.14
N LYS D 61 25.23 30.69 7.46
CA LYS D 61 24.34 31.81 7.74
C LYS D 61 23.17 31.39 8.61
N LEU D 62 23.16 30.14 9.08
CA LEU D 62 22.07 29.65 9.90
C LEU D 62 21.98 30.46 11.19
N PRO D 63 20.81 31.00 11.55
CA PRO D 63 20.67 31.76 12.80
C PRO D 63 20.94 30.92 14.03
N ALA D 64 21.21 31.62 15.15
CA ALA D 64 21.67 30.96 16.37
C ALA D 64 20.53 30.27 17.10
N GLU D 65 19.31 30.82 17.07
CA GLU D 65 18.18 30.18 17.74
C GLU D 65 18.08 28.70 17.37
N LEU D 66 18.42 28.34 16.13
CA LEU D 66 18.44 26.95 15.71
C LEU D 66 19.27 26.07 16.63
N GLN D 67 20.22 26.63 17.38
CA GLN D 67 21.00 25.80 18.29
C GLN D 67 20.69 26.09 19.75
N GLU D 68 19.49 26.60 20.04
CA GLU D 68 18.82 26.40 21.32
C GLU D 68 17.52 25.66 21.09
N LEU D 69 17.53 24.74 20.12
CA LEU D 69 16.43 23.83 19.84
C LEU D 69 16.75 22.51 20.51
N PRO D 70 16.40 22.36 21.78
CA PRO D 70 16.91 21.22 22.55
C PRO D 70 16.31 19.88 22.11
N GLY D 71 15.08 19.89 21.61
CA GLY D 71 14.45 18.67 21.19
C GLY D 71 14.72 18.25 19.76
N LEU D 72 15.55 18.98 19.03
CA LEU D 72 15.91 18.65 17.66
C LEU D 72 17.41 18.95 17.47
N SER D 73 18.24 18.26 18.27
CA SER D 73 19.67 18.49 18.29
C SER D 73 20.35 18.10 16.99
N HIS D 74 19.84 17.07 16.31
CA HIS D 74 20.46 16.57 15.10
C HIS D 74 19.88 17.31 13.91
N GLN D 75 20.73 18.04 13.19
CA GLN D 75 20.28 18.98 12.17
C GLN D 75 21.10 18.80 10.90
N TYR D 76 20.40 18.81 9.77
CA TYR D 76 20.98 18.48 8.48
C TYR D 76 20.54 19.52 7.46
N TRP D 77 21.49 20.00 6.66
CA TRP D 77 21.18 21.11 5.78
C TRP D 77 21.76 20.84 4.40
N SER D 78 21.02 21.30 3.40
CA SER D 78 21.37 21.11 2.01
C SER D 78 21.03 22.39 1.26
N ALA D 79 22.03 23.04 0.70
CA ALA D 79 21.89 24.26 -0.06
C ALA D 79 22.41 24.01 -1.47
N PRO D 80 22.01 24.83 -2.44
CA PRO D 80 22.51 24.62 -3.81
C PRO D 80 23.99 24.99 -3.90
N SER D 81 24.56 24.66 -5.06
CA SER D 81 26.00 24.85 -5.27
C SER D 81 26.30 26.30 -5.67
N ASP D 82 25.92 26.68 -6.89
CA ASP D 82 26.19 28.03 -7.38
C ASP D 82 25.18 29.04 -6.83
N LYS D 83 23.89 28.76 -6.97
CA LYS D 83 22.85 29.76 -6.71
C LYS D 83 22.74 30.03 -5.21
N GLU D 84 23.28 31.16 -4.77
CA GLU D 84 23.12 31.55 -3.37
C GLU D 84 21.76 32.21 -3.11
N GLY D 85 21.21 31.94 -1.91
CA GLY D 85 19.93 32.50 -1.49
C GLY D 85 18.75 31.84 -2.14
N TYR D 86 18.93 30.62 -2.61
CA TYR D 86 17.96 29.96 -3.47
C TYR D 86 17.65 28.59 -2.88
N SER D 87 16.37 28.25 -2.81
CA SER D 87 15.89 26.91 -2.49
C SER D 87 16.45 26.50 -1.12
N GLY D 88 16.86 25.25 -0.93
CA GLY D 88 17.42 24.83 0.34
C GLY D 88 16.44 24.12 1.26
N VAL D 89 16.87 22.99 1.81
CA VAL D 89 16.05 22.16 2.68
C VAL D 89 16.82 21.79 3.94
N GLY D 90 16.07 21.54 5.01
CA GLY D 90 16.65 21.12 6.27
C GLY D 90 15.81 20.06 6.95
N LEU D 91 16.50 19.18 7.69
CA LEU D 91 15.86 18.13 8.47
C LEU D 91 16.44 18.16 9.88
N LEU D 92 15.57 18.37 10.88
CA LEU D 92 15.96 18.37 12.28
C LEU D 92 15.25 17.22 12.97
N SER D 93 15.98 16.51 13.85
CA SER D 93 15.43 15.30 14.45
CA SER D 93 15.43 15.30 14.45
C SER D 93 15.83 15.19 15.92
N ARG D 94 14.86 14.79 16.75
CA ARG D 94 15.13 14.54 18.16
C ARG D 94 16.13 13.39 18.32
N GLN D 95 15.81 12.24 17.72
CA GLN D 95 16.69 11.08 17.76
C GLN D 95 17.64 11.10 16.58
N CYS D 96 18.75 10.42 16.74
CA CYS D 96 19.66 10.62 15.61
C CYS D 96 19.36 9.56 14.54
N PRO D 97 19.33 9.92 13.26
CA PRO D 97 19.01 8.93 12.22
C PRO D 97 20.09 7.86 12.10
N LEU D 98 19.73 6.77 11.41
CA LEU D 98 20.73 5.75 11.09
C LEU D 98 21.68 6.24 10.02
N LYS D 99 21.23 7.14 9.15
CA LYS D 99 21.99 7.52 7.96
C LYS D 99 21.31 8.68 7.28
N VAL D 100 22.05 9.74 6.99
CA VAL D 100 21.54 10.89 6.27
C VAL D 100 22.23 10.95 4.92
N SER D 101 21.44 11.29 3.90
CA SER D 101 21.85 11.26 2.51
C SER D 101 21.28 12.50 1.83
N TYR D 102 21.83 12.87 0.68
CA TYR D 102 21.38 14.08 0.00
C TYR D 102 21.09 13.78 -1.47
N GLY D 103 19.99 14.36 -1.95
CA GLY D 103 19.63 14.21 -3.34
C GLY D 103 19.09 12.83 -3.67
N ILE D 104 18.89 12.63 -4.97
CA ILE D 104 18.21 11.46 -5.50
C ILE D 104 19.14 10.61 -6.35
N GLY D 105 20.44 10.68 -6.09
CA GLY D 105 21.41 9.88 -6.79
C GLY D 105 21.53 10.16 -8.27
N ASP D 106 20.91 11.24 -8.74
CA ASP D 106 20.97 11.66 -10.13
C ASP D 106 21.53 13.08 -10.14
N GLU D 107 22.65 13.27 -10.85
CA GLU D 107 23.41 14.50 -10.62
C GLU D 107 22.75 15.73 -11.24
N GLU D 108 22.01 15.59 -12.35
CA GLU D 108 21.30 16.75 -12.89
C GLU D 108 20.38 17.34 -11.85
N HIS D 109 19.84 16.51 -10.97
CA HIS D 109 18.80 16.93 -10.04
C HIS D 109 19.32 17.14 -8.62
N ASP D 110 20.61 17.03 -8.38
CA ASP D 110 21.16 17.16 -7.03
C ASP D 110 21.93 18.47 -6.86
N GLN D 111 21.66 19.47 -7.70
CA GLN D 111 22.42 20.71 -7.72
C GLN D 111 21.74 21.85 -6.98
N GLU D 112 20.54 21.67 -6.45
CA GLU D 112 19.74 22.79 -5.96
C GLU D 112 19.28 22.63 -4.51
N GLY D 113 19.93 21.77 -3.73
CA GLY D 113 19.59 21.63 -2.33
C GLY D 113 18.14 21.29 -2.07
N ARG D 114 17.63 20.27 -2.76
CA ARG D 114 16.20 20.03 -2.78
C ARG D 114 15.75 18.80 -1.98
N VAL D 115 16.66 17.89 -1.60
CA VAL D 115 16.25 16.61 -1.03
C VAL D 115 17.19 16.21 0.09
N ILE D 116 16.65 15.90 1.25
CA ILE D 116 17.37 15.22 2.30
C ILE D 116 16.70 13.87 2.57
N VAL D 117 17.51 12.86 2.87
CA VAL D 117 17.02 11.49 3.13
C VAL D 117 17.56 11.03 4.48
N ALA D 118 16.66 10.86 5.45
CA ALA D 118 16.99 10.42 6.80
C ALA D 118 16.40 9.04 7.07
N GLU D 119 17.26 8.05 7.24
CA GLU D 119 16.83 6.67 7.48
C GLU D 119 16.79 6.39 8.98
N PHE D 120 15.76 5.66 9.41
CA PHE D 120 15.56 5.29 10.79
C PHE D 120 15.40 3.77 10.86
N ASP D 121 15.18 3.26 12.07
CA ASP D 121 14.94 1.82 12.24
C ASP D 121 13.84 1.33 11.32
N SER D 122 12.62 1.85 11.52
CA SER D 122 11.40 1.35 10.91
C SER D 122 11.03 2.00 9.60
N PHE D 123 11.66 3.11 9.23
CA PHE D 123 11.23 3.77 8.00
C PHE D 123 12.34 4.66 7.50
N VAL D 124 12.22 5.06 6.23
CA VAL D 124 13.11 6.06 5.64
C VAL D 124 12.26 7.28 5.30
N LEU D 125 12.82 8.46 5.57
CA LEU D 125 12.11 9.72 5.43
C LEU D 125 12.82 10.59 4.40
N VAL D 126 12.06 11.07 3.43
CA VAL D 126 12.57 11.96 2.40
C VAL D 126 11.81 13.27 2.51
N THR D 127 12.54 14.38 2.54
CA THR D 127 11.92 15.69 2.50
C THR D 127 12.37 16.37 1.22
N ALA D 128 11.44 17.10 0.59
CA ALA D 128 11.68 17.56 -0.76
C ALA D 128 11.12 18.97 -0.97
N TYR D 129 11.85 19.73 -1.79
CA TYR D 129 11.38 20.99 -2.35
C TYR D 129 11.36 20.78 -3.86
N VAL D 130 10.24 20.29 -4.37
CA VAL D 130 10.16 19.94 -5.79
C VAL D 130 10.26 21.21 -6.62
N PRO D 131 10.98 21.19 -7.73
CA PRO D 131 11.15 22.42 -8.53
C PRO D 131 9.83 22.93 -9.10
N ASN D 132 9.58 24.21 -8.88
CA ASN D 132 8.42 24.85 -9.45
C ASN D 132 8.53 24.87 -10.97
N ALA D 133 7.39 24.75 -11.65
CA ALA D 133 7.43 24.82 -13.11
C ALA D 133 7.69 26.24 -13.62
N GLY D 134 7.65 27.23 -12.73
CA GLY D 134 8.02 28.58 -13.09
C GLY D 134 6.91 29.34 -13.78
N ARG D 135 7.02 30.67 -13.71
CA ARG D 135 6.09 31.54 -14.43
C ARG D 135 6.25 31.30 -15.93
N GLY D 136 5.12 31.28 -16.63
CA GLY D 136 5.19 30.99 -18.05
C GLY D 136 5.69 29.61 -18.35
N LEU D 137 5.62 28.70 -17.38
CA LEU D 137 6.00 27.32 -17.58
C LEU D 137 7.42 27.20 -18.11
N VAL D 138 8.27 28.20 -17.80
CA VAL D 138 9.64 28.24 -18.31
C VAL D 138 10.37 26.94 -17.97
N ARG D 139 9.99 26.29 -16.88
CA ARG D 139 10.68 25.09 -16.43
C ARG D 139 9.78 23.86 -16.41
N LEU D 140 8.65 23.90 -17.14
CA LEU D 140 7.77 22.74 -17.19
C LEU D 140 8.53 21.51 -17.68
N GLU D 141 9.29 21.67 -18.77
CA GLU D 141 10.00 20.52 -19.33
C GLU D 141 11.04 19.99 -18.36
N TYR D 142 11.71 20.88 -17.63
CA TYR D 142 12.67 20.38 -16.66
C TYR D 142 11.96 19.64 -15.53
N ARG D 143 10.78 20.12 -15.13
CA ARG D 143 10.10 19.50 -13.99
C ARG D 143 9.65 18.08 -14.33
N GLN D 144 9.24 17.86 -15.58
CA GLN D 144 8.87 16.51 -16.00
C GLN D 144 10.05 15.56 -15.88
N ARG D 145 11.25 16.04 -16.22
CA ARG D 145 12.45 15.23 -16.02
C ARG D 145 12.67 14.94 -14.55
N TRP D 146 12.52 15.96 -13.71
CA TRP D 146 12.59 15.76 -12.28
C TRP D 146 11.60 14.68 -11.84
N ASP D 147 10.32 14.88 -12.14
CA ASP D 147 9.29 13.98 -11.66
C ASP D 147 9.65 12.53 -11.94
N GLU D 148 10.13 12.24 -13.16
CA GLU D 148 10.44 10.87 -13.50
C GLU D 148 11.64 10.36 -12.70
N ALA D 149 12.68 11.17 -12.57
CA ALA D 149 13.84 10.73 -11.80
C ALA D 149 13.50 10.57 -10.33
N PHE D 150 12.69 11.48 -9.78
CA PHE D 150 12.26 11.40 -8.40
C PHE D 150 11.40 10.17 -8.17
N ARG D 151 10.48 9.90 -9.09
CA ARG D 151 9.67 8.68 -9.05
C ARG D 151 10.54 7.44 -8.86
N LYS D 152 11.41 7.18 -9.84
CA LYS D 152 12.30 6.01 -9.76
C LYS D 152 13.03 5.99 -8.42
N PHE D 153 13.54 7.14 -7.99
CA PHE D 153 14.28 7.18 -6.75
C PHE D 153 13.41 6.69 -5.58
N LEU D 154 12.22 7.27 -5.45
CA LEU D 154 11.37 6.90 -4.32
C LEU D 154 10.91 5.46 -4.44
N LYS D 155 10.67 4.99 -5.67
CA LYS D 155 10.31 3.58 -5.84
C LYS D 155 11.40 2.67 -5.27
N GLY D 156 12.66 2.95 -5.61
CA GLY D 156 13.75 2.16 -5.07
C GLY D 156 13.77 2.15 -3.55
N LEU D 157 13.70 3.35 -2.96
CA LEU D 157 13.69 3.46 -1.49
C LEU D 157 12.52 2.67 -0.88
N ALA D 158 11.33 2.80 -1.46
CA ALA D 158 10.18 2.15 -0.88
C ALA D 158 10.26 0.62 -1.00
N SER D 159 11.11 0.11 -1.88
CA SER D 159 11.27 -1.33 -1.98
C SER D 159 12.07 -1.90 -0.82
N ARG D 160 12.79 -1.06 -0.07
CA ARG D 160 13.60 -1.56 1.04
C ARG D 160 12.98 -1.29 2.41
N LYS D 161 12.43 -0.10 2.63
CA LYS D 161 11.86 0.28 3.91
C LYS D 161 10.53 0.97 3.65
N PRO D 162 9.63 0.99 4.64
CA PRO D 162 8.49 1.91 4.56
C PRO D 162 9.01 3.33 4.35
N LEU D 163 8.35 4.05 3.43
CA LEU D 163 8.79 5.35 2.97
C LEU D 163 7.78 6.42 3.40
N VAL D 164 8.30 7.52 3.95
CA VAL D 164 7.54 8.73 4.22
C VAL D 164 8.19 9.81 3.40
N LEU D 165 7.42 10.40 2.47
CA LEU D 165 7.87 11.56 1.73
C LEU D 165 7.06 12.76 2.17
N CYS D 166 7.73 13.84 2.52
CA CYS D 166 7.03 15.05 2.89
C CYS D 166 7.72 16.25 2.30
N GLY D 167 6.99 17.35 2.22
CA GLY D 167 7.51 18.64 1.86
C GLY D 167 6.66 19.28 0.80
N ASP D 168 7.26 20.28 0.16
CA ASP D 168 6.62 21.06 -0.88
C ASP D 168 6.79 20.29 -2.19
N LEU D 169 5.75 19.58 -2.59
CA LEU D 169 5.78 18.82 -3.83
C LEU D 169 5.37 19.66 -5.03
N ASN D 170 5.01 20.93 -4.82
CA ASN D 170 4.78 21.92 -5.89
C ASN D 170 3.82 21.40 -6.96
N VAL D 171 2.72 20.81 -6.51
CA VAL D 171 1.62 20.47 -7.41
C VAL D 171 0.38 20.32 -6.55
N ALA D 172 -0.78 20.69 -7.11
CA ALA D 172 -2.08 20.38 -6.52
C ALA D 172 -2.66 19.18 -7.29
N HIS D 173 -2.64 18.00 -6.66
CA HIS D 173 -2.95 16.75 -7.36
C HIS D 173 -4.24 16.88 -8.19
N GLU D 174 -5.35 17.16 -7.52
CA GLU D 174 -6.66 17.19 -8.14
C GLU D 174 -7.31 18.54 -7.90
N GLU D 175 -8.45 18.74 -8.56
CA GLU D 175 -9.18 20.00 -8.47
C GLU D 175 -9.47 20.38 -7.03
N ILE D 176 -9.85 19.41 -6.20
CA ILE D 176 -10.11 19.71 -4.80
C ILE D 176 -8.90 20.30 -4.07
N ASP D 177 -7.72 20.27 -4.66
CA ASP D 177 -6.50 20.71 -3.98
C ASP D 177 -6.14 22.18 -4.24
N LEU D 178 -6.92 22.92 -5.02
CA LEU D 178 -6.69 24.35 -5.10
C LEU D 178 -8.02 25.05 -5.25
N ARG D 179 -8.03 26.36 -4.97
CA ARG D 179 -9.29 27.09 -4.93
C ARG D 179 -9.84 27.35 -6.33
N ASN D 180 -8.98 27.68 -7.29
CA ASN D 180 -9.41 28.00 -8.66
C ASN D 180 -8.71 27.06 -9.63
N PRO D 181 -9.19 25.82 -9.75
CA PRO D 181 -8.61 24.91 -10.75
C PRO D 181 -8.78 25.40 -12.18
N LYS D 182 -9.95 25.96 -12.54
CA LYS D 182 -10.18 26.46 -13.88
C LYS D 182 -9.06 27.39 -14.33
N GLY D 183 -8.87 28.49 -13.60
CA GLY D 183 -7.88 29.48 -14.01
C GLY D 183 -6.43 29.03 -13.95
N ASN D 184 -6.14 27.88 -13.39
CA ASN D 184 -4.75 27.50 -13.24
C ASN D 184 -4.37 26.29 -14.07
N LYS D 185 -5.23 25.86 -14.98
CA LYS D 185 -4.92 24.71 -15.81
C LYS D 185 -3.65 24.90 -16.62
N LYS D 186 -3.20 26.14 -16.78
CA LYS D 186 -2.00 26.47 -17.54
C LYS D 186 -0.94 27.14 -16.68
N ASN D 187 -1.01 27.00 -15.36
CA ASN D 187 -0.01 27.62 -14.50
C ASN D 187 0.81 26.54 -13.80
N ALA D 188 1.97 26.95 -13.29
CA ALA D 188 2.80 26.01 -12.56
C ALA D 188 2.06 25.47 -11.35
N GLY D 189 2.04 24.14 -11.23
CA GLY D 189 1.44 23.47 -10.09
C GLY D 189 0.08 22.87 -10.35
N PHE D 190 -0.53 23.17 -11.49
CA PHE D 190 -1.77 22.52 -11.87
C PHE D 190 -1.83 22.28 -13.38
N THR D 191 -0.68 22.15 -14.03
CA THR D 191 -0.69 21.70 -15.41
C THR D 191 -1.03 20.21 -15.44
N PRO D 192 -1.65 19.71 -16.53
CA PRO D 192 -1.92 18.26 -16.60
C PRO D 192 -0.66 17.44 -16.36
N GLN D 193 0.46 17.84 -16.97
CA GLN D 193 1.72 17.13 -16.79
C GLN D 193 2.10 17.02 -15.32
N GLU D 194 1.92 18.10 -14.55
CA GLU D 194 2.30 18.03 -13.14
C GLU D 194 1.32 17.17 -12.34
N CYS D 195 0.00 17.35 -12.54
CA CYS D 195 -0.96 16.50 -11.84
C CYS D 195 -0.85 15.02 -12.21
N GLN D 196 -0.66 14.71 -13.49
CA GLN D 196 -0.41 13.31 -13.84
C GLN D 196 0.92 12.82 -13.25
N GLY D 197 1.93 13.69 -13.18
CA GLY D 197 3.16 13.28 -12.54
C GLY D 197 2.94 12.89 -11.10
N PHE D 198 2.10 13.64 -10.39
CA PHE D 198 1.78 13.25 -9.02
C PHE D 198 1.00 11.95 -9.01
N GLY D 199 0.01 11.83 -9.89
CA GLY D 199 -0.76 10.60 -9.98
C GLY D 199 0.09 9.39 -10.26
N GLU D 200 1.01 9.52 -11.23
CA GLU D 200 1.94 8.43 -11.50
C GLU D 200 2.75 8.08 -10.26
N LEU D 201 3.11 9.07 -9.47
CA LEU D 201 3.90 8.78 -8.28
C LEU D 201 3.11 7.97 -7.28
N LEU D 202 1.79 8.23 -7.18
CA LEU D 202 0.98 7.48 -6.24
C LEU D 202 0.79 6.05 -6.67
N GLN D 203 0.71 5.80 -7.99
CA GLN D 203 0.57 4.45 -8.51
C GLN D 203 1.90 3.71 -8.53
N ALA D 204 2.96 4.38 -9.01
CA ALA D 204 4.18 3.65 -9.38
C ALA D 204 4.95 3.13 -8.17
N VAL D 205 4.98 3.89 -7.07
CA VAL D 205 5.87 3.55 -5.96
C VAL D 205 5.34 2.33 -5.22
N PRO D 206 4.07 2.29 -4.77
CA PRO D 206 3.00 3.29 -4.75
C PRO D 206 3.07 4.04 -3.44
N LEU D 207 2.27 5.10 -3.33
CA LEU D 207 2.25 5.95 -2.15
C LEU D 207 0.82 6.43 -1.97
N ALA D 208 0.42 6.58 -0.70
CA ALA D 208 -0.85 7.17 -0.34
C ALA D 208 -0.66 8.64 0.04
N ASP D 209 -1.45 9.53 -0.55
CA ASP D 209 -1.58 10.89 -0.06
C ASP D 209 -2.29 10.80 1.30
N SER D 210 -1.52 10.99 2.38
CA SER D 210 -2.02 10.66 3.71
C SER D 210 -3.25 11.48 4.07
N PHE D 211 -3.21 12.78 3.80
CA PHE D 211 -4.36 13.66 4.09
C PHE D 211 -5.59 13.25 3.29
N ARG D 212 -5.44 13.08 1.98
CA ARG D 212 -6.60 12.74 1.17
C ARG D 212 -7.13 11.34 1.51
N HIS D 213 -6.26 10.44 1.94
CA HIS D 213 -6.69 9.15 2.43
C HIS D 213 -7.62 9.30 3.62
N LEU D 214 -7.35 10.30 4.47
CA LEU D 214 -8.17 10.45 5.67
C LEU D 214 -9.39 11.32 5.45
N TYR D 215 -9.30 12.30 4.57
CA TYR D 215 -10.38 13.25 4.34
C TYR D 215 -10.65 13.36 2.84
N PRO D 216 -11.08 12.25 2.21
CA PRO D 216 -11.19 12.25 0.74
C PRO D 216 -12.19 13.26 0.22
N ASN D 217 -13.08 13.75 1.07
CA ASN D 217 -14.18 14.57 0.60
C ASN D 217 -14.07 16.00 1.12
N THR D 218 -12.86 16.42 1.53
CA THR D 218 -12.66 17.68 2.24
C THR D 218 -12.08 18.73 1.30
N PRO D 219 -12.88 19.67 0.82
CA PRO D 219 -12.36 20.74 -0.02
C PRO D 219 -11.92 21.91 0.85
N TYR D 220 -11.32 22.90 0.19
CA TYR D 220 -10.84 24.14 0.81
C TYR D 220 -9.66 23.95 1.76
N ALA D 221 -8.98 22.81 1.72
CA ALA D 221 -7.88 22.54 2.64
C ALA D 221 -6.57 22.79 1.88
N TYR D 222 -5.93 23.92 2.17
CA TYR D 222 -4.74 24.32 1.43
C TYR D 222 -3.56 24.48 2.38
N THR D 223 -2.35 24.42 1.82
CA THR D 223 -1.13 24.64 2.59
C THR D 223 -0.32 25.83 2.07
N PHE D 224 -0.75 26.47 0.99
CA PHE D 224 -0.05 27.58 0.40
C PHE D 224 -1.06 28.60 -0.09
N TRP D 225 -0.77 29.87 0.15
CA TRP D 225 -1.49 31.01 -0.42
C TRP D 225 -0.48 32.07 -0.82
N THR D 226 -0.65 32.62 -2.02
CA THR D 226 0.27 33.65 -2.45
C THR D 226 0.12 34.87 -1.54
N TYR D 227 1.25 35.55 -1.32
CA TYR D 227 1.22 36.81 -0.56
C TYR D 227 0.39 37.88 -1.25
N MET D 228 0.26 37.81 -2.57
CA MET D 228 -0.44 38.86 -3.30
C MET D 228 -1.95 38.79 -3.09
N MET D 229 -2.57 39.95 -3.24
CA MET D 229 -4.03 40.11 -3.23
C MET D 229 -4.69 39.44 -2.03
N ASN D 230 -3.99 39.34 -0.91
CA ASN D 230 -4.67 39.02 0.35
C ASN D 230 -5.31 37.62 0.29
N ALA D 231 -4.59 36.66 -0.31
CA ALA D 231 -5.18 35.36 -0.63
C ALA D 231 -5.43 34.52 0.62
N ARG D 232 -4.43 34.45 1.50
CA ARG D 232 -4.60 33.70 2.74
C ARG D 232 -5.86 34.14 3.50
N SER D 233 -6.16 35.44 3.50
CA SER D 233 -7.34 35.93 4.20
C SER D 233 -8.61 35.33 3.61
N LYS D 234 -8.60 35.13 2.30
CA LYS D 234 -9.75 34.63 1.58
C LYS D 234 -9.72 33.12 1.41
N ASN D 235 -8.62 32.47 1.85
CA ASN D 235 -8.39 31.04 1.64
C ASN D 235 -8.38 30.71 0.15
N VAL D 236 -7.75 31.57 -0.63
CA VAL D 236 -7.51 31.28 -2.05
C VAL D 236 -6.14 30.62 -2.12
N GLY D 237 -6.12 29.29 -1.96
CA GLY D 237 -4.89 28.57 -1.76
C GLY D 237 -4.79 27.28 -2.55
N TRP D 238 -3.65 26.60 -2.37
CA TRP D 238 -3.30 25.35 -3.00
C TRP D 238 -2.85 24.38 -1.92
N ARG D 239 -3.19 23.09 -2.07
CA ARG D 239 -2.57 22.04 -1.25
C ARG D 239 -1.28 21.59 -1.96
N LEU D 240 -0.14 22.12 -1.52
CA LEU D 240 1.16 21.84 -2.14
C LEU D 240 2.06 20.99 -1.25
N ASP D 241 1.71 20.84 0.03
CA ASP D 241 2.58 20.23 1.02
C ASP D 241 1.91 18.95 1.51
N TYR D 242 2.62 17.83 1.39
CA TYR D 242 2.01 16.52 1.55
C TYR D 242 2.85 15.66 2.49
N PHE D 243 2.20 14.64 3.04
CA PHE D 243 2.87 13.45 3.57
C PHE D 243 2.41 12.28 2.74
N LEU D 244 3.28 11.73 1.91
CA LEU D 244 2.97 10.50 1.21
C LEU D 244 3.63 9.31 1.92
N LEU D 245 2.89 8.21 2.01
CA LEU D 245 3.31 7.03 2.76
C LEU D 245 3.25 5.81 1.88
N SER D 246 4.23 4.93 2.01
CA SER D 246 4.01 3.55 1.57
C SER D 246 2.73 3.04 2.21
N HIS D 247 2.02 2.19 1.46
CA HIS D 247 0.79 1.61 1.99
C HIS D 247 1.02 0.93 3.34
N SER D 248 2.18 0.32 3.54
CA SER D 248 2.42 -0.37 4.80
C SER D 248 2.41 0.56 6.01
N LEU D 249 2.51 1.87 5.81
CA LEU D 249 2.39 2.77 6.94
C LEU D 249 0.95 3.18 7.22
N LEU D 250 0.03 2.94 6.28
CA LEU D 250 -1.36 3.31 6.53
C LEU D 250 -1.91 2.69 7.81
N PRO D 251 -1.65 1.41 8.14
CA PRO D 251 -2.09 0.93 9.46
C PRO D 251 -1.49 1.72 10.61
N ALA D 252 -0.31 2.30 10.43
CA ALA D 252 0.30 3.08 11.49
C ALA D 252 -0.25 4.50 11.57
N LEU D 253 -1.02 4.94 10.56
CA LEU D 253 -1.40 6.33 10.45
C LEU D 253 -2.44 6.71 11.51
N CYS D 254 -2.22 7.84 12.17
CA CYS D 254 -3.20 8.42 13.09
C CYS D 254 -3.82 9.69 12.54
N ASP D 255 -3.01 10.64 12.07
CA ASP D 255 -3.55 11.86 11.50
C ASP D 255 -2.50 12.60 10.66
N SER D 256 -3.02 13.35 9.70
CA SER D 256 -2.27 14.23 8.81
C SER D 256 -2.93 15.59 8.92
N LYS D 257 -2.24 16.54 9.55
CA LYS D 257 -2.81 17.81 9.91
C LYS D 257 -2.31 18.92 8.99
N ILE D 258 -3.14 19.95 8.86
CA ILE D 258 -2.83 21.17 8.12
C ILE D 258 -2.96 22.32 9.10
N ARG D 259 -1.83 22.89 9.53
CA ARG D 259 -1.79 23.89 10.61
C ARG D 259 -2.04 25.30 10.06
N SER D 260 -3.26 25.50 9.56
CA SER D 260 -3.61 26.67 8.78
C SER D 260 -3.30 27.99 9.49
N LYS D 261 -3.25 27.99 10.81
CA LYS D 261 -3.18 29.25 11.54
C LYS D 261 -1.75 29.71 11.83
N ALA D 262 -0.76 28.86 11.59
CA ALA D 262 0.62 29.22 11.91
C ALA D 262 1.16 30.17 10.85
N LEU D 263 1.47 31.39 11.26
CA LEU D 263 1.98 32.42 10.36
C LEU D 263 3.48 32.26 10.19
N GLY D 264 4.06 33.10 9.35
CA GLY D 264 5.50 33.17 9.19
C GLY D 264 6.00 32.87 7.81
N SER D 265 5.14 32.40 6.91
CA SER D 265 5.55 32.00 5.57
C SER D 265 4.34 32.18 4.65
N ASP D 266 4.52 31.89 3.36
CA ASP D 266 3.34 31.78 2.50
C ASP D 266 2.84 30.32 2.40
N HIS D 267 3.51 29.38 3.06
CA HIS D 267 2.95 28.07 3.34
C HIS D 267 2.62 27.98 4.83
N CYS D 268 1.65 27.16 5.17
CA CYS D 268 1.49 26.81 6.58
C CYS D 268 2.15 25.47 6.82
N PRO D 269 2.28 25.05 8.07
CA PRO D 269 2.87 23.72 8.34
C PRO D 269 1.85 22.61 8.16
N ILE D 270 2.39 21.39 8.10
CA ILE D 270 1.61 20.16 8.09
C ILE D 270 2.26 19.22 9.10
N THR D 271 1.44 18.38 9.74
CA THR D 271 1.94 17.51 10.79
C THR D 271 1.42 16.09 10.61
N LEU D 272 2.33 15.14 10.67
CA LEU D 272 2.03 13.72 10.54
C LEU D 272 2.14 13.05 11.89
N TYR D 273 1.17 12.20 12.22
CA TYR D 273 1.19 11.39 13.45
C TYR D 273 1.18 9.93 13.05
N LEU D 274 2.22 9.19 13.45
CA LEU D 274 2.30 7.75 13.22
C LEU D 274 2.40 6.99 14.53
N ALA D 275 1.74 5.83 14.60
CA ALA D 275 1.91 4.87 15.68
C ALA D 275 2.93 3.85 15.20
N LEU D 276 4.20 4.15 15.50
CA LEU D 276 5.30 3.28 15.11
C LEU D 276 5.89 2.52 16.29
N ALA E 1 5.07 -17.09 18.21
CA ALA E 1 4.02 -16.49 19.01
C ALA E 1 2.67 -16.65 18.31
N LEU E 2 1.69 -15.89 18.74
CA LEU E 2 0.32 -15.96 18.24
C LEU E 2 -0.04 -14.64 17.56
N TYR E 3 -1.21 -14.62 16.89
CA TYR E 3 -1.46 -13.57 15.91
C TYR E 3 -2.87 -13.02 16.01
N GLU E 4 -2.98 -11.71 15.94
CA GLU E 4 -4.26 -11.01 15.89
C GLU E 4 -4.31 -10.22 14.59
N ASP E 5 -5.24 -10.56 13.70
CA ASP E 5 -5.45 -9.76 12.50
C ASP E 5 -5.84 -8.34 12.90
N PRO E 6 -5.21 -7.32 12.34
CA PRO E 6 -5.60 -5.94 12.65
C PRO E 6 -6.96 -5.63 12.04
N PRO E 7 -7.55 -4.50 12.37
CA PRO E 7 -8.93 -4.26 11.92
C PRO E 7 -9.00 -4.06 10.42
N ASP E 8 -10.21 -4.21 9.92
CA ASP E 8 -10.46 -4.10 8.49
C ASP E 8 -10.39 -2.64 8.04
N GLN E 9 -9.45 -2.33 7.15
CA GLN E 9 -9.36 -1.01 6.54
C GLN E 9 -10.17 -1.00 5.25
N LYS E 10 -11.31 -0.30 5.27
CA LYS E 10 -12.26 -0.38 4.17
C LYS E 10 -12.24 0.86 3.27
N THR E 11 -11.26 1.74 3.44
CA THR E 11 -11.03 2.85 2.53
C THR E 11 -9.69 2.64 1.84
N SER E 12 -9.58 3.15 0.62
CA SER E 12 -8.42 2.95 -0.23
C SER E 12 -7.31 3.96 0.12
N PRO E 13 -6.09 3.78 -0.43
CA PRO E 13 -5.05 4.80 -0.19
C PRO E 13 -5.45 6.20 -0.60
N SER E 14 -6.50 6.36 -1.40
CA SER E 14 -7.01 7.66 -1.77
C SER E 14 -8.31 8.00 -1.05
N GLY E 15 -8.73 7.18 -0.09
CA GLY E 15 -9.94 7.43 0.65
C GLY E 15 -11.22 6.92 0.01
N LYS E 16 -11.12 6.33 -1.18
CA LYS E 16 -12.32 5.78 -1.79
C LYS E 16 -12.76 4.55 -1.02
N PRO E 17 -14.07 4.39 -0.77
CA PRO E 17 -14.54 3.23 0.00
C PRO E 17 -14.52 1.95 -0.82
N ALA E 18 -14.22 0.85 -0.12
CA ALA E 18 -14.23 -0.46 -0.75
C ALA E 18 -15.60 -0.76 -1.36
N THR E 19 -15.57 -1.23 -2.61
CA THR E 19 -16.76 -1.59 -3.34
C THR E 19 -16.89 -3.09 -3.56
N LEU E 20 -15.88 -3.86 -3.21
CA LEU E 20 -15.75 -5.24 -3.65
C LEU E 20 -15.03 -6.05 -2.60
N LYS E 21 -15.68 -7.11 -2.15
CA LYS E 21 -15.20 -7.93 -1.04
C LYS E 21 -15.11 -9.39 -1.51
N ILE E 22 -13.89 -9.92 -1.53
CA ILE E 22 -13.61 -11.26 -2.05
C ILE E 22 -13.09 -12.12 -0.90
N CYS E 23 -13.80 -13.20 -0.60
CA CYS E 23 -13.33 -14.14 0.38
C CYS E 23 -12.84 -15.40 -0.32
N SER E 24 -11.71 -15.94 0.16
CA SER E 24 -11.11 -17.14 -0.40
C SER E 24 -10.89 -18.14 0.73
N TRP E 25 -11.26 -19.40 0.50
CA TRP E 25 -11.22 -20.40 1.58
C TRP E 25 -10.99 -21.79 1.03
N ASN E 26 -9.87 -22.39 1.42
CA ASN E 26 -9.67 -23.81 1.19
C ASN E 26 -10.47 -24.54 2.25
N VAL E 27 -11.59 -25.13 1.85
CA VAL E 27 -12.53 -25.72 2.80
C VAL E 27 -12.16 -27.15 3.17
N ASP E 28 -11.10 -27.72 2.56
CA ASP E 28 -10.65 -29.10 2.77
C ASP E 28 -11.81 -30.06 3.00
N GLY E 29 -12.66 -30.27 1.98
CA GLY E 29 -13.86 -31.05 2.14
C GLY E 29 -15.10 -30.17 2.28
N LEU E 30 -15.70 -29.83 1.13
CA LEU E 30 -16.81 -28.88 1.12
C LEU E 30 -17.95 -29.34 2.02
N ARG E 31 -18.32 -30.62 1.95
CA ARG E 31 -19.45 -31.14 2.72
C ARG E 31 -19.13 -31.15 4.22
N ALA E 32 -17.98 -31.70 4.61
CA ALA E 32 -17.53 -31.60 6.00
C ALA E 32 -17.52 -30.16 6.50
N TRP E 33 -17.06 -29.23 5.66
CA TRP E 33 -16.98 -27.84 6.05
C TRP E 33 -18.38 -27.23 6.24
N ILE E 34 -19.33 -27.58 5.38
CA ILE E 34 -20.70 -27.13 5.62
C ILE E 34 -21.26 -27.77 6.88
N LYS E 35 -20.98 -29.06 7.12
CA LYS E 35 -21.46 -29.68 8.35
C LYS E 35 -20.86 -29.00 9.57
N LYS E 36 -19.66 -28.44 9.44
CA LYS E 36 -19.02 -27.68 10.49
C LYS E 36 -19.40 -26.18 10.48
N LYS E 37 -20.53 -25.85 9.85
CA LYS E 37 -21.16 -24.55 9.95
C LYS E 37 -20.33 -23.43 9.31
N GLY E 38 -19.41 -23.77 8.41
CA GLY E 38 -18.67 -22.74 7.71
C GLY E 38 -19.56 -21.81 6.91
N LEU E 39 -20.66 -22.34 6.39
CA LEU E 39 -21.56 -21.52 5.60
C LEU E 39 -22.17 -20.41 6.44
N ASP E 40 -22.41 -20.66 7.73
CA ASP E 40 -22.82 -19.57 8.61
C ASP E 40 -21.76 -18.49 8.63
N TRP E 41 -20.50 -18.88 8.84
CA TRP E 41 -19.44 -17.88 8.86
C TRP E 41 -19.43 -17.08 7.56
N VAL E 42 -19.59 -17.77 6.43
CA VAL E 42 -19.64 -17.10 5.13
C VAL E 42 -20.78 -16.10 5.10
N LYS E 43 -21.95 -16.48 5.63
CA LYS E 43 -23.09 -15.57 5.63
C LYS E 43 -22.80 -14.32 6.45
N GLU E 44 -22.20 -14.48 7.63
CA GLU E 44 -21.93 -13.30 8.45
C GLU E 44 -20.82 -12.44 7.84
N GLU E 45 -19.89 -13.02 7.08
CA GLU E 45 -18.83 -12.24 6.47
C GLU E 45 -19.31 -11.51 5.22
N ALA E 46 -20.30 -12.08 4.55
CA ALA E 46 -21.03 -11.44 3.46
C ALA E 46 -20.17 -10.98 2.29
N PRO E 47 -19.29 -11.83 1.74
CA PRO E 47 -18.50 -11.40 0.59
C PRO E 47 -19.35 -11.18 -0.65
N ASP E 48 -18.82 -10.37 -1.55
CA ASP E 48 -19.41 -10.27 -2.87
C ASP E 48 -19.04 -11.46 -3.73
N ILE E 49 -17.87 -12.06 -3.47
CA ILE E 49 -17.35 -13.19 -4.23
C ILE E 49 -16.69 -14.13 -3.25
N LEU E 50 -17.05 -15.41 -3.34
CA LEU E 50 -16.48 -16.45 -2.50
C LEU E 50 -15.78 -17.44 -3.41
N CYS E 51 -14.51 -17.70 -3.15
CA CYS E 51 -13.74 -18.70 -3.86
C CYS E 51 -13.39 -19.81 -2.88
N LEU E 52 -13.65 -21.06 -3.29
CA LEU E 52 -13.41 -22.23 -2.47
C LEU E 52 -12.42 -23.17 -3.16
N GLN E 53 -11.52 -23.76 -2.38
CA GLN E 53 -10.58 -24.76 -2.89
C GLN E 53 -10.68 -26.06 -2.10
N GLU E 54 -10.27 -27.15 -2.75
CA GLU E 54 -10.32 -28.49 -2.18
C GLU E 54 -11.74 -28.86 -1.73
N THR E 55 -12.69 -28.66 -2.65
CA THR E 55 -14.08 -29.02 -2.38
C THR E 55 -14.25 -30.53 -2.18
N LYS E 56 -13.45 -31.36 -2.86
CA LYS E 56 -13.50 -32.82 -2.71
C LYS E 56 -14.94 -33.32 -2.83
N CYS E 57 -15.63 -32.86 -3.86
CA CYS E 57 -17.07 -32.98 -3.98
C CYS E 57 -17.44 -32.73 -5.43
N SER E 58 -18.02 -33.72 -6.09
CA SER E 58 -18.38 -33.57 -7.49
C SER E 58 -19.64 -32.73 -7.64
N GLU E 59 -19.96 -32.35 -8.88
CA GLU E 59 -21.04 -31.39 -9.11
C GLU E 59 -22.36 -31.88 -8.53
N ASN E 60 -22.71 -33.14 -8.78
CA ASN E 60 -24.02 -33.63 -8.39
C ASN E 60 -24.11 -34.02 -6.92
N LYS E 61 -23.00 -34.10 -6.19
CA LYS E 61 -23.05 -34.26 -4.75
C LYS E 61 -23.02 -32.93 -3.98
N LEU E 62 -23.20 -31.79 -4.67
CA LEU E 62 -23.17 -30.47 -4.02
C LEU E 62 -24.34 -30.31 -3.04
N PRO E 63 -24.09 -30.04 -1.77
CA PRO E 63 -25.19 -29.96 -0.81
C PRO E 63 -26.18 -28.86 -1.13
N ALA E 64 -27.43 -29.10 -0.70
CA ALA E 64 -28.54 -28.21 -1.01
C ALA E 64 -28.33 -26.80 -0.47
N GLU E 65 -27.69 -26.68 0.71
CA GLU E 65 -27.51 -25.39 1.37
C GLU E 65 -26.91 -24.32 0.44
N LEU E 66 -26.19 -24.73 -0.60
CA LEU E 66 -25.55 -23.78 -1.50
C LEU E 66 -26.56 -23.09 -2.41
N GLN E 67 -27.66 -23.76 -2.72
CA GLN E 67 -28.71 -23.08 -3.47
C GLN E 67 -29.32 -21.96 -2.63
N GLU E 68 -29.65 -22.26 -1.36
CA GLU E 68 -30.21 -21.27 -0.43
C GLU E 68 -29.08 -20.38 0.12
N LEU E 69 -28.55 -19.55 -0.78
CA LEU E 69 -27.43 -18.66 -0.46
C LEU E 69 -27.52 -17.44 -1.36
N PRO E 70 -28.54 -16.60 -1.16
CA PRO E 70 -29.08 -15.79 -2.27
C PRO E 70 -28.21 -14.61 -2.70
N GLY E 71 -27.22 -14.22 -1.89
CA GLY E 71 -26.28 -13.19 -2.26
C GLY E 71 -25.08 -13.68 -3.04
N LEU E 72 -24.97 -14.99 -3.25
CA LEU E 72 -23.89 -15.62 -4.02
C LEU E 72 -24.51 -16.59 -5.03
N SER E 73 -25.42 -16.08 -5.86
CA SER E 73 -26.29 -16.93 -6.67
C SER E 73 -25.59 -17.51 -7.89
N HIS E 74 -24.67 -16.77 -8.49
CA HIS E 74 -23.97 -17.27 -9.66
C HIS E 74 -22.80 -18.13 -9.20
N GLN E 75 -22.93 -19.44 -9.37
CA GLN E 75 -22.00 -20.39 -8.77
C GLN E 75 -21.40 -21.27 -9.85
N TYR E 76 -20.10 -21.46 -9.78
CA TYR E 76 -19.33 -22.20 -10.77
C TYR E 76 -18.42 -23.16 -10.04
N TRP E 77 -18.27 -24.36 -10.60
CA TRP E 77 -17.62 -25.48 -9.91
C TRP E 77 -16.74 -26.22 -10.89
N SER E 78 -15.62 -26.71 -10.41
CA SER E 78 -14.74 -27.52 -11.24
C SER E 78 -14.20 -28.67 -10.41
N ALA E 79 -14.36 -29.89 -10.92
CA ALA E 79 -13.90 -31.10 -10.28
C ALA E 79 -12.94 -31.83 -11.22
N PRO E 80 -12.08 -32.71 -10.70
CA PRO E 80 -11.17 -33.44 -11.59
C PRO E 80 -11.94 -34.24 -12.61
N SER E 81 -11.28 -34.52 -13.73
CA SER E 81 -11.93 -35.25 -14.81
C SER E 81 -12.24 -36.69 -14.39
N ASP E 82 -11.29 -37.36 -13.74
CA ASP E 82 -11.48 -38.78 -13.39
C ASP E 82 -10.80 -39.13 -12.06
N LYS E 83 -10.98 -38.29 -11.03
CA LYS E 83 -10.50 -38.61 -9.67
C LYS E 83 -11.52 -38.03 -8.69
N GLU E 84 -12.38 -38.89 -8.17
CA GLU E 84 -13.50 -38.45 -7.34
C GLU E 84 -13.04 -38.17 -5.91
N GLY E 85 -13.67 -37.17 -5.29
CA GLY E 85 -13.29 -36.78 -3.94
C GLY E 85 -11.92 -36.15 -3.82
N TYR E 86 -11.34 -35.71 -4.94
CA TYR E 86 -10.00 -35.17 -4.99
C TYR E 86 -10.08 -33.73 -5.46
N SER E 87 -9.25 -32.85 -4.88
CA SER E 87 -9.13 -31.48 -5.35
C SER E 87 -10.50 -30.80 -5.45
N GLY E 88 -10.74 -30.06 -6.53
CA GLY E 88 -11.99 -29.32 -6.73
C GLY E 88 -12.01 -27.87 -6.29
N VAL E 89 -12.65 -26.99 -7.08
CA VAL E 89 -12.77 -25.59 -6.72
C VAL E 89 -14.14 -25.05 -7.12
N GLY E 90 -14.57 -24.01 -6.42
CA GLY E 90 -15.80 -23.31 -6.76
C GLY E 90 -15.62 -21.81 -6.69
N LEU E 91 -16.43 -21.10 -7.45
CA LEU E 91 -16.44 -19.64 -7.43
C LEU E 91 -17.89 -19.18 -7.37
N LEU E 92 -18.26 -18.54 -6.25
CA LEU E 92 -19.60 -18.02 -6.04
C LEU E 92 -19.56 -16.51 -6.07
N SER E 93 -20.46 -15.89 -6.85
CA SER E 93 -20.44 -14.45 -7.06
CA SER E 93 -20.44 -14.45 -7.01
C SER E 93 -21.82 -13.84 -6.92
N ARG E 94 -21.89 -12.66 -6.31
CA ARG E 94 -23.13 -11.91 -6.19
C ARG E 94 -23.60 -11.41 -7.54
N GLN E 95 -22.71 -10.81 -8.31
CA GLN E 95 -23.04 -10.38 -9.65
C GLN E 95 -22.60 -11.43 -10.65
N CYS E 96 -23.28 -11.45 -11.78
CA CYS E 96 -22.98 -12.44 -12.80
C CYS E 96 -21.75 -12.02 -13.59
N PRO E 97 -20.72 -12.86 -13.66
CA PRO E 97 -19.50 -12.46 -14.39
C PRO E 97 -19.75 -12.38 -15.89
N LEU E 98 -18.85 -11.67 -16.58
CA LEU E 98 -18.99 -11.59 -18.03
C LEU E 98 -18.72 -12.93 -18.68
N LYS E 99 -17.75 -13.68 -18.15
CA LYS E 99 -17.25 -14.89 -18.78
C LYS E 99 -16.56 -15.74 -17.72
N VAL E 100 -16.91 -17.01 -17.65
CA VAL E 100 -16.25 -17.94 -16.76
C VAL E 100 -15.57 -19.01 -17.60
N SER E 101 -14.41 -19.46 -17.14
CA SER E 101 -13.69 -20.46 -17.88
C SER E 101 -12.94 -21.33 -16.87
N TYR E 102 -12.58 -22.54 -17.30
CA TYR E 102 -12.00 -23.54 -16.44
C TYR E 102 -10.62 -23.93 -16.94
N GLY E 103 -9.67 -24.05 -16.00
CA GLY E 103 -8.30 -24.38 -16.33
C GLY E 103 -7.52 -23.21 -16.93
N ILE E 104 -6.24 -23.50 -17.20
CA ILE E 104 -5.31 -22.53 -17.73
C ILE E 104 -5.05 -22.74 -19.21
N GLY E 105 -5.75 -23.67 -19.85
CA GLY E 105 -5.56 -23.86 -21.27
C GLY E 105 -4.43 -24.79 -21.64
N ASP E 106 -4.02 -25.68 -20.73
CA ASP E 106 -2.96 -26.63 -20.99
C ASP E 106 -3.46 -27.98 -20.55
N GLU E 107 -3.57 -28.90 -21.51
CA GLU E 107 -4.25 -30.18 -21.26
C GLU E 107 -3.67 -30.90 -20.06
N GLU E 108 -2.35 -30.89 -19.93
CA GLU E 108 -1.71 -31.59 -18.83
C GLU E 108 -2.10 -31.02 -17.47
N HIS E 109 -2.33 -29.72 -17.38
CA HIS E 109 -2.57 -29.11 -16.07
C HIS E 109 -4.05 -28.87 -15.77
N ASP E 110 -4.97 -29.23 -16.68
CA ASP E 110 -6.39 -28.94 -16.51
C ASP E 110 -7.24 -30.17 -16.21
N GLN E 111 -6.66 -31.23 -15.65
CA GLN E 111 -7.39 -32.47 -15.43
C GLN E 111 -7.80 -32.70 -13.98
N GLU E 112 -7.43 -31.80 -13.06
CA GLU E 112 -7.67 -32.03 -11.64
C GLU E 112 -8.56 -30.98 -10.98
N GLY E 113 -9.31 -30.19 -11.77
CA GLY E 113 -10.28 -29.27 -11.21
C GLY E 113 -9.73 -28.24 -10.25
N ARG E 114 -8.80 -27.41 -10.70
CA ARG E 114 -8.04 -26.58 -9.78
C ARG E 114 -8.19 -25.09 -10.03
N VAL E 115 -8.66 -24.67 -11.21
CA VAL E 115 -8.60 -23.27 -11.61
C VAL E 115 -9.95 -22.85 -12.19
N ILE E 116 -10.53 -21.79 -11.64
CA ILE E 116 -11.67 -21.12 -12.26
C ILE E 116 -11.24 -19.70 -12.57
N VAL E 117 -11.63 -19.20 -13.74
CA VAL E 117 -11.36 -17.82 -14.14
C VAL E 117 -12.68 -17.11 -14.37
N ALA E 118 -12.88 -15.98 -13.72
CA ALA E 118 -14.12 -15.23 -13.81
C ALA E 118 -13.79 -13.80 -14.23
N GLU E 119 -14.27 -13.40 -15.41
CA GLU E 119 -14.00 -12.09 -15.96
C GLU E 119 -15.12 -11.13 -15.61
N PHE E 120 -14.76 -10.04 -14.95
CA PHE E 120 -15.65 -8.95 -14.61
C PHE E 120 -15.31 -7.71 -15.43
N ASP E 121 -16.09 -6.65 -15.21
CA ASP E 121 -15.92 -5.41 -15.96
C ASP E 121 -14.48 -4.92 -15.92
N SER E 122 -13.96 -4.61 -14.73
CA SER E 122 -12.66 -3.95 -14.60
C SER E 122 -11.51 -4.86 -14.17
N PHE E 123 -11.76 -6.14 -13.91
CA PHE E 123 -10.68 -7.04 -13.54
C PHE E 123 -11.04 -8.48 -13.88
N VAL E 124 -10.04 -9.35 -13.76
CA VAL E 124 -10.20 -10.77 -13.96
C VAL E 124 -9.77 -11.49 -12.68
N LEU E 125 -10.61 -12.41 -12.23
CA LEU E 125 -10.43 -13.09 -10.97
C LEU E 125 -10.08 -14.54 -11.29
N VAL E 126 -8.90 -14.97 -10.87
CA VAL E 126 -8.51 -16.38 -10.96
C VAL E 126 -8.45 -16.94 -9.54
N THR E 127 -9.06 -18.11 -9.34
CA THR E 127 -8.92 -18.82 -8.09
C THR E 127 -8.31 -20.18 -8.36
N ALA E 128 -7.41 -20.57 -7.48
CA ALA E 128 -6.70 -21.79 -7.71
C ALA E 128 -6.33 -22.58 -6.49
N TYR E 129 -6.30 -23.88 -6.68
CA TYR E 129 -5.83 -24.78 -5.67
C TYR E 129 -4.61 -25.32 -6.37
N VAL E 130 -3.42 -24.95 -5.91
CA VAL E 130 -2.19 -25.35 -6.58
C VAL E 130 -1.80 -26.79 -6.21
N PRO E 131 -1.19 -27.53 -7.14
CA PRO E 131 -0.87 -28.92 -6.76
C PRO E 131 0.22 -28.96 -5.70
N ASN E 132 -0.03 -29.74 -4.64
CA ASN E 132 0.93 -29.95 -3.56
C ASN E 132 2.12 -30.77 -4.07
N ALA E 133 3.33 -30.40 -3.64
CA ALA E 133 4.52 -31.12 -4.08
C ALA E 133 4.55 -32.57 -3.62
N GLY E 134 3.79 -32.89 -2.58
CA GLY E 134 3.66 -34.26 -2.14
C GLY E 134 4.52 -34.57 -0.93
N ARG E 135 4.03 -35.49 -0.09
CA ARG E 135 4.88 -36.06 0.93
C ARG E 135 6.09 -36.68 0.26
N GLY E 136 7.25 -36.55 0.88
CA GLY E 136 8.48 -36.98 0.25
C GLY E 136 8.70 -36.42 -1.15
N LEU E 137 8.05 -35.28 -1.45
CA LEU E 137 8.20 -34.54 -2.72
C LEU E 137 8.01 -35.42 -3.95
N VAL E 138 7.08 -36.38 -3.88
CA VAL E 138 6.84 -37.28 -5.02
C VAL E 138 6.39 -36.52 -6.26
N ARG E 139 5.74 -35.36 -6.10
CA ARG E 139 5.23 -34.62 -7.24
C ARG E 139 5.92 -33.27 -7.40
N LEU E 140 7.10 -33.09 -6.81
CA LEU E 140 7.79 -31.81 -6.93
C LEU E 140 8.20 -31.51 -8.38
N GLU E 141 8.52 -32.54 -9.15
CA GLU E 141 8.88 -32.31 -10.54
C GLU E 141 7.65 -31.87 -11.34
N TYR E 142 6.51 -32.53 -11.13
CA TYR E 142 5.31 -32.08 -11.81
C TYR E 142 4.99 -30.63 -11.41
N ARG E 143 5.24 -30.28 -10.15
CA ARG E 143 4.83 -29.00 -9.63
C ARG E 143 5.59 -27.84 -10.29
N GLN E 144 6.89 -28.01 -10.52
CA GLN E 144 7.65 -26.96 -11.21
C GLN E 144 7.12 -26.75 -12.62
N ARG E 145 6.66 -27.80 -13.27
CA ARG E 145 6.07 -27.63 -14.59
C ARG E 145 4.74 -26.88 -14.52
N TRP E 146 3.93 -27.17 -13.50
CA TRP E 146 2.73 -26.39 -13.26
C TRP E 146 3.08 -24.93 -13.04
N ASP E 147 4.01 -24.67 -12.13
CA ASP E 147 4.41 -23.31 -11.81
C ASP E 147 4.71 -22.53 -13.08
N GLU E 148 5.42 -23.14 -14.03
CA GLU E 148 5.79 -22.42 -15.23
C GLU E 148 4.58 -22.20 -16.13
N ALA E 149 3.71 -23.21 -16.26
CA ALA E 149 2.55 -23.05 -17.13
C ALA E 149 1.56 -22.07 -16.51
N PHE E 150 1.43 -22.12 -15.19
CA PHE E 150 0.55 -21.19 -14.49
C PHE E 150 1.07 -19.75 -14.62
N ARG E 151 2.37 -19.57 -14.37
CA ARG E 151 3.01 -18.26 -14.55
C ARG E 151 2.73 -17.74 -15.95
N LYS E 152 2.97 -18.58 -16.97
CA LYS E 152 2.79 -18.13 -18.35
C LYS E 152 1.34 -17.75 -18.61
N PHE E 153 0.40 -18.58 -18.15
CA PHE E 153 -1.02 -18.30 -18.36
C PHE E 153 -1.43 -16.99 -17.70
N LEU E 154 -1.08 -16.81 -16.43
CA LEU E 154 -1.47 -15.61 -15.70
C LEU E 154 -0.87 -14.36 -16.32
N LYS E 155 0.39 -14.44 -16.76
CA LYS E 155 1.02 -13.32 -17.45
C LYS E 155 0.21 -12.94 -18.69
N GLY E 156 -0.14 -13.93 -19.51
CA GLY E 156 -1.00 -13.66 -20.64
C GLY E 156 -2.29 -12.95 -20.26
N LEU E 157 -3.00 -13.50 -19.26
CA LEU E 157 -4.22 -12.87 -18.76
C LEU E 157 -3.97 -11.43 -18.33
N ALA E 158 -3.01 -11.23 -17.44
CA ALA E 158 -2.81 -9.90 -16.86
C ALA E 158 -2.45 -8.87 -17.92
N SER E 159 -1.98 -9.29 -19.09
CA SER E 159 -1.70 -8.36 -20.17
C SER E 159 -2.96 -7.80 -20.81
N ARG E 160 -4.13 -8.36 -20.49
CA ARG E 160 -5.38 -7.91 -21.08
C ARG E 160 -6.32 -7.24 -20.09
N LYS E 161 -6.20 -7.57 -18.81
CA LYS E 161 -7.06 -7.02 -17.78
C LYS E 161 -6.30 -7.10 -16.48
N PRO E 162 -6.45 -6.12 -15.59
CA PRO E 162 -5.90 -6.25 -14.24
C PRO E 162 -6.37 -7.56 -13.61
N LEU E 163 -5.46 -8.21 -12.89
CA LEU E 163 -5.64 -9.58 -12.43
C LEU E 163 -5.65 -9.64 -10.92
N VAL E 164 -6.59 -10.41 -10.39
CA VAL E 164 -6.61 -10.80 -8.99
C VAL E 164 -6.53 -12.32 -8.97
N LEU E 165 -5.44 -12.86 -8.43
CA LEU E 165 -5.28 -14.28 -8.24
C LEU E 165 -5.51 -14.58 -6.78
N CYS E 166 -6.37 -15.53 -6.47
CA CYS E 166 -6.54 -15.90 -5.08
C CYS E 166 -6.63 -17.41 -4.92
N GLY E 167 -6.45 -17.88 -3.71
CA GLY E 167 -6.62 -19.28 -3.34
C GLY E 167 -5.39 -19.82 -2.67
N ASP E 168 -5.35 -21.15 -2.57
CA ASP E 168 -4.25 -21.88 -1.94
C ASP E 168 -3.18 -22.14 -2.99
N LEU E 169 -2.05 -21.45 -2.86
CA LEU E 169 -0.97 -21.58 -3.83
C LEU E 169 0.11 -22.57 -3.38
N ASN E 170 -0.09 -23.21 -2.22
CA ASN E 170 0.72 -24.34 -1.78
C ASN E 170 2.21 -23.99 -1.72
N VAL E 171 2.52 -22.83 -1.16
CA VAL E 171 3.90 -22.46 -0.90
C VAL E 171 3.91 -21.34 0.11
N ALA E 172 4.79 -21.42 1.10
CA ALA E 172 5.10 -20.29 1.96
C ALA E 172 6.25 -19.55 1.30
N HIS E 173 5.98 -18.35 0.78
CA HIS E 173 6.98 -17.69 -0.06
C HIS E 173 8.33 -17.55 0.64
N GLU E 174 8.33 -16.95 1.82
CA GLU E 174 9.55 -16.64 2.54
C GLU E 174 9.50 -17.28 3.91
N GLU E 175 10.62 -17.15 4.65
CA GLU E 175 10.71 -17.78 5.97
C GLU E 175 9.68 -17.20 6.94
N ILE E 176 9.32 -15.93 6.78
CA ILE E 176 8.30 -15.34 7.65
C ILE E 176 6.91 -15.97 7.43
N ASP E 177 6.72 -16.70 6.34
CA ASP E 177 5.41 -17.24 6.03
C ASP E 177 5.15 -18.61 6.66
N LEU E 178 6.04 -19.12 7.52
CA LEU E 178 5.77 -20.37 8.23
C LEU E 178 6.56 -20.41 9.52
N ARG E 179 6.04 -21.17 10.48
CA ARG E 179 6.54 -21.09 11.86
C ARG E 179 7.91 -21.74 12.01
N ASN E 180 8.16 -22.83 11.29
CA ASN E 180 9.43 -23.55 11.35
C ASN E 180 10.00 -23.70 9.95
N PRO E 181 10.60 -22.62 9.41
CA PRO E 181 11.22 -22.72 8.08
C PRO E 181 12.43 -23.62 8.03
N LYS E 182 13.25 -23.64 9.09
CA LYS E 182 14.46 -24.44 9.06
C LYS E 182 14.16 -25.93 8.97
N GLY E 183 13.08 -26.40 9.57
CA GLY E 183 12.78 -27.81 9.45
C GLY E 183 12.07 -28.23 8.19
N ASN E 184 11.67 -27.29 7.34
CA ASN E 184 10.78 -27.66 6.26
C ASN E 184 11.35 -27.39 4.88
N LYS E 185 12.63 -27.03 4.78
CA LYS E 185 13.20 -26.73 3.46
C LYS E 185 13.27 -27.96 2.57
N LYS E 186 12.87 -29.14 3.04
CA LYS E 186 12.74 -30.30 2.18
C LYS E 186 11.34 -30.89 2.27
N ASN E 187 10.37 -30.14 2.77
CA ASN E 187 9.00 -30.62 2.76
C ASN E 187 8.17 -29.80 1.78
N ALA E 188 7.07 -30.38 1.33
CA ALA E 188 6.24 -29.74 0.33
C ALA E 188 5.84 -28.35 0.76
N GLY E 189 5.90 -27.39 -0.15
CA GLY E 189 5.47 -26.05 0.13
C GLY E 189 6.53 -25.11 0.67
N PHE E 190 7.73 -25.60 0.98
CA PHE E 190 8.82 -24.70 1.35
C PHE E 190 10.14 -25.18 0.76
N THR E 191 10.09 -25.88 -0.35
CA THR E 191 11.31 -26.22 -1.03
C THR E 191 11.84 -24.99 -1.75
N PRO E 192 13.15 -24.93 -1.97
CA PRO E 192 13.70 -23.84 -2.79
C PRO E 192 13.04 -23.73 -4.15
N GLN E 193 12.66 -24.86 -4.74
CA GLN E 193 11.98 -24.84 -6.02
C GLN E 193 10.62 -24.15 -5.91
N GLU E 194 9.93 -24.36 -4.80
CA GLU E 194 8.60 -23.78 -4.70
C GLU E 194 8.69 -22.29 -4.40
N CYS E 195 9.52 -21.92 -3.43
CA CYS E 195 9.69 -20.50 -3.16
C CYS E 195 10.29 -19.74 -4.34
N GLN E 196 11.16 -20.37 -5.13
CA GLN E 196 11.62 -19.68 -6.33
C GLN E 196 10.48 -19.51 -7.32
N GLY E 197 9.66 -20.55 -7.51
CA GLY E 197 8.53 -20.43 -8.41
C GLY E 197 7.63 -19.28 -8.03
N PHE E 198 7.35 -19.13 -6.74
CA PHE E 198 6.50 -18.04 -6.29
C PHE E 198 7.16 -16.69 -6.62
N GLY E 199 8.46 -16.56 -6.33
CA GLY E 199 9.18 -15.33 -6.65
C GLY E 199 9.09 -14.97 -8.11
N GLU E 200 9.23 -15.97 -8.99
CA GLU E 200 9.14 -15.70 -10.42
C GLU E 200 7.70 -15.38 -10.83
N LEU E 201 6.73 -15.95 -10.14
CA LEU E 201 5.34 -15.60 -10.40
C LEU E 201 5.09 -14.12 -10.10
N LEU E 202 5.55 -13.65 -8.94
CA LEU E 202 5.48 -12.22 -8.64
C LEU E 202 6.23 -11.39 -9.67
N GLN E 203 7.42 -11.85 -10.06
CA GLN E 203 8.27 -11.06 -10.95
C GLN E 203 7.70 -11.04 -12.36
N ALA E 204 7.24 -12.17 -12.87
CA ALA E 204 7.03 -12.31 -14.31
C ALA E 204 5.66 -11.83 -14.79
N VAL E 205 4.64 -11.84 -13.94
CA VAL E 205 3.29 -11.54 -14.43
C VAL E 205 3.15 -10.04 -14.71
N PRO E 206 3.50 -9.15 -13.76
CA PRO E 206 3.95 -9.33 -12.38
C PRO E 206 2.76 -9.26 -11.41
N LEU E 207 2.98 -9.66 -10.17
CA LEU E 207 1.95 -9.54 -9.15
C LEU E 207 2.59 -9.13 -7.84
N ALA E 208 1.78 -8.50 -7.01
CA ALA E 208 2.16 -8.16 -5.65
C ALA E 208 1.36 -9.04 -4.69
N ASP E 209 2.04 -9.49 -3.65
CA ASP E 209 1.44 -10.26 -2.56
C ASP E 209 0.75 -9.24 -1.66
N SER E 210 -0.58 -9.20 -1.76
CA SER E 210 -1.35 -8.11 -1.15
C SER E 210 -1.13 -8.05 0.36
N PHE E 211 -1.26 -9.19 1.03
CA PHE E 211 -1.04 -9.17 2.47
C PHE E 211 0.35 -8.66 2.80
N ARG E 212 1.37 -9.22 2.14
CA ARG E 212 2.75 -8.88 2.50
C ARG E 212 3.08 -7.43 2.08
N HIS E 213 2.42 -6.92 1.05
CA HIS E 213 2.64 -5.54 0.65
C HIS E 213 2.13 -4.60 1.73
N LEU E 214 1.10 -4.99 2.46
CA LEU E 214 0.53 -4.14 3.51
C LEU E 214 1.22 -4.34 4.84
N TYR E 215 1.67 -5.55 5.12
CA TYR E 215 2.24 -5.93 6.42
C TYR E 215 3.57 -6.61 6.17
N PRO E 216 4.55 -5.87 5.68
CA PRO E 216 5.78 -6.50 5.17
C PRO E 216 6.64 -7.17 6.23
N ASN E 217 6.45 -6.88 7.52
CA ASN E 217 7.26 -7.54 8.53
C ASN E 217 6.42 -8.15 9.65
N THR E 218 5.16 -8.46 9.38
CA THR E 218 4.34 -9.09 10.40
C THR E 218 4.57 -10.58 10.37
N PRO E 219 5.19 -11.14 11.41
CA PRO E 219 5.39 -12.59 11.48
C PRO E 219 4.13 -13.26 12.02
N TYR E 220 4.16 -14.60 12.05
CA TYR E 220 3.13 -15.47 12.63
C TYR E 220 1.77 -15.31 11.97
N ALA E 221 1.71 -14.84 10.75
CA ALA E 221 0.44 -14.68 10.05
C ALA E 221 0.34 -15.87 9.10
N TYR E 222 -0.50 -16.84 9.45
CA TYR E 222 -0.63 -18.07 8.69
C TYR E 222 -2.09 -18.29 8.30
N THR E 223 -2.26 -19.04 7.22
CA THR E 223 -3.56 -19.44 6.73
C THR E 223 -3.79 -20.94 6.87
N PHE E 224 -2.81 -21.67 7.38
CA PHE E 224 -2.96 -23.11 7.41
C PHE E 224 -2.27 -23.67 8.64
N TRP E 225 -2.91 -24.67 9.25
CA TRP E 225 -2.28 -25.45 10.30
C TRP E 225 -2.65 -26.91 10.08
N THR E 226 -1.65 -27.79 10.08
CA THR E 226 -1.95 -29.22 10.00
C THR E 226 -2.87 -29.64 11.15
N TYR E 227 -3.77 -30.56 10.86
CA TYR E 227 -4.68 -31.06 11.90
C TYR E 227 -3.93 -31.69 13.06
N MET E 228 -2.72 -32.17 12.82
CA MET E 228 -2.01 -33.01 13.77
C MET E 228 -1.25 -32.16 14.77
N MET E 229 -0.95 -32.76 15.92
CA MET E 229 -0.13 -32.17 16.97
C MET E 229 -0.69 -30.83 17.46
N ASN E 230 -2.01 -30.64 17.38
CA ASN E 230 -2.67 -29.42 17.87
C ASN E 230 -1.99 -28.17 17.32
N ALA E 231 -1.60 -28.23 16.04
CA ALA E 231 -0.75 -27.18 15.48
C ALA E 231 -1.44 -25.83 15.46
N ARG E 232 -2.76 -25.81 15.23
CA ARG E 232 -3.46 -24.53 15.26
C ARG E 232 -3.54 -23.99 16.67
N SER E 233 -3.76 -24.86 17.66
CA SER E 233 -3.69 -24.48 19.07
C SER E 233 -2.43 -23.69 19.39
N LYS E 234 -1.31 -24.03 18.75
CA LYS E 234 -0.05 -23.38 19.01
C LYS E 234 0.34 -22.40 17.93
N ASN E 235 -0.52 -22.23 16.91
CA ASN E 235 -0.21 -21.35 15.78
C ASN E 235 1.09 -21.78 15.10
N VAL E 236 1.32 -23.09 15.04
CA VAL E 236 2.42 -23.63 14.25
C VAL E 236 1.86 -23.77 12.84
N GLY E 237 2.00 -22.71 12.03
CA GLY E 237 1.36 -22.74 10.74
C GLY E 237 2.14 -22.28 9.53
N TRP E 238 1.44 -22.18 8.40
CA TRP E 238 1.96 -21.69 7.13
C TRP E 238 0.95 -20.71 6.54
N ARG E 239 1.48 -19.66 5.87
CA ARG E 239 0.68 -18.83 4.99
C ARG E 239 0.78 -19.43 3.58
N LEU E 240 -0.30 -20.08 3.15
CA LEU E 240 -0.37 -20.73 1.86
C LEU E 240 -1.43 -20.09 0.96
N ASP E 241 -2.26 -19.22 1.50
CA ASP E 241 -3.42 -18.67 0.82
C ASP E 241 -3.20 -17.18 0.61
N TYR E 242 -3.24 -16.75 -0.66
CA TYR E 242 -2.85 -15.40 -1.04
C TYR E 242 -3.96 -14.74 -1.86
N PHE E 243 -3.92 -13.41 -1.87
CA PHE E 243 -4.49 -12.62 -2.95
C PHE E 243 -3.28 -11.96 -3.59
N LEU E 244 -2.96 -12.33 -4.84
CA LEU E 244 -1.90 -11.68 -5.59
C LEU E 244 -2.54 -10.72 -6.60
N LEU E 245 -2.01 -9.48 -6.67
CA LEU E 245 -2.65 -8.40 -7.41
C LEU E 245 -1.75 -7.83 -8.50
N SER E 246 -2.36 -7.51 -9.63
CA SER E 246 -1.72 -6.62 -10.60
C SER E 246 -1.28 -5.36 -9.87
N HIS E 247 -0.06 -4.88 -10.20
CA HIS E 247 0.41 -3.64 -9.59
C HIS E 247 -0.56 -2.52 -9.87
N SER E 248 -1.19 -2.53 -11.05
CA SER E 248 -2.22 -1.57 -11.39
C SER E 248 -3.28 -1.44 -10.30
N LEU E 249 -3.50 -2.51 -9.54
CA LEU E 249 -4.59 -2.54 -8.57
C LEU E 249 -4.17 -2.14 -7.16
N LEU E 250 -2.87 -1.94 -6.91
CA LEU E 250 -2.46 -1.54 -5.57
C LEU E 250 -3.16 -0.29 -5.06
N PRO E 251 -3.29 0.82 -5.83
CA PRO E 251 -4.08 1.97 -5.33
C PRO E 251 -5.56 1.65 -5.06
N ALA E 252 -6.05 0.46 -5.45
CA ALA E 252 -7.40 0.03 -5.10
C ALA E 252 -7.42 -0.86 -3.88
N LEU E 253 -6.26 -1.35 -3.46
CA LEU E 253 -6.18 -2.23 -2.31
C LEU E 253 -6.54 -1.47 -1.04
N CYS E 254 -7.59 -1.94 -0.38
CA CYS E 254 -8.01 -1.39 0.90
C CYS E 254 -7.43 -2.20 2.04
N ASP E 255 -7.58 -3.51 1.99
CA ASP E 255 -6.93 -4.33 3.00
C ASP E 255 -6.87 -5.76 2.47
N SER E 256 -6.09 -6.58 3.16
CA SER E 256 -5.98 -8.01 2.86
C SER E 256 -5.95 -8.71 4.19
N LYS E 257 -7.00 -9.51 4.48
CA LYS E 257 -7.24 -10.03 5.81
C LYS E 257 -6.96 -11.51 5.89
N ILE E 258 -6.63 -11.95 7.11
CA ILE E 258 -6.54 -13.36 7.48
C ILE E 258 -7.52 -13.57 8.63
N ARG E 259 -8.57 -14.37 8.38
CA ARG E 259 -9.64 -14.66 9.35
C ARG E 259 -9.23 -15.86 10.20
N SER E 260 -8.34 -15.60 11.15
CA SER E 260 -7.70 -16.68 11.89
C SER E 260 -8.68 -17.50 12.73
N LYS E 261 -9.79 -16.92 13.15
CA LYS E 261 -10.66 -17.56 14.14
C LYS E 261 -11.80 -18.38 13.52
N ALA E 262 -12.05 -18.24 12.22
CA ALA E 262 -13.07 -19.02 11.56
C ALA E 262 -12.64 -20.47 11.45
N LEU E 263 -13.47 -21.37 11.96
CA LEU E 263 -13.17 -22.79 12.00
C LEU E 263 -13.88 -23.49 10.85
N GLY E 264 -13.57 -24.77 10.68
CA GLY E 264 -14.22 -25.57 9.64
C GLY E 264 -13.29 -26.29 8.68
N SER E 265 -11.99 -26.10 8.84
CA SER E 265 -10.96 -26.56 7.90
C SER E 265 -9.62 -26.54 8.61
N ASP E 266 -8.58 -27.03 7.92
CA ASP E 266 -7.21 -26.75 8.32
C ASP E 266 -6.67 -25.48 7.66
N HIS E 267 -7.48 -24.82 6.84
CA HIS E 267 -7.21 -23.50 6.33
C HIS E 267 -8.20 -22.54 6.95
N CYS E 268 -7.72 -21.35 7.33
CA CYS E 268 -8.69 -20.33 7.61
C CYS E 268 -8.97 -19.52 6.35
N PRO E 269 -10.06 -18.77 6.30
CA PRO E 269 -10.34 -17.94 5.12
C PRO E 269 -9.50 -16.67 5.11
N ILE E 270 -9.37 -16.11 3.92
CA ILE E 270 -8.72 -14.83 3.70
C ILE E 270 -9.67 -13.93 2.92
N THR E 271 -9.69 -12.64 3.26
CA THR E 271 -10.65 -11.71 2.68
C THR E 271 -9.93 -10.48 2.13
N LEU E 272 -10.33 -10.08 0.92
CA LEU E 272 -9.73 -8.98 0.18
C LEU E 272 -10.76 -7.87 -0.04
N TYR E 273 -10.34 -6.63 0.16
CA TYR E 273 -11.17 -5.44 0.01
C TYR E 273 -10.57 -4.53 -1.06
N LEU E 274 -11.38 -4.17 -2.04
CA LEU E 274 -10.90 -3.35 -3.13
C LEU E 274 -11.87 -2.20 -3.33
N ALA E 275 -11.33 -1.03 -3.67
CA ALA E 275 -12.12 0.09 -4.15
C ALA E 275 -12.02 0.12 -5.67
N LEU E 276 -13.08 -0.29 -6.34
CA LEU E 276 -13.06 -0.42 -7.79
C LEU E 276 -14.17 0.38 -8.49
CA CA F . -0.85 -40.74 -1.63
C1 EDO G . 3.55 11.83 20.34
O1 EDO G . 2.75 12.82 19.70
C2 EDO G . 4.91 11.73 19.66
O2 EDO G . 5.64 12.98 19.72
NA NA H . 6.06 21.37 3.57
CL CL I . 15.70 5.38 15.13
C1 EDO J . -9.73 -10.80 -21.45
O1 EDO J . -10.02 -10.75 -20.06
C2 EDO J . -8.92 -12.06 -21.67
O2 EDO J . -9.58 -13.15 -21.03
#